data_2OS0
#
_entry.id   2OS0
#
_cell.length_a   67.875
_cell.length_b   67.875
_cell.length_c   41.084
_cell.angle_alpha   90.00
_cell.angle_beta   90.00
_cell.angle_gamma   90.00
#
_symmetry.space_group_name_H-M   'P 43'
#
loop_
_entity.id
_entity.type
_entity.pdbx_description
1 polymer 'Peptide deformylase'
2 non-polymer 'NICKEL (II) ION'
3 non-polymer 'SULFATE ION'
4 water water
#
_entity_poly.entity_id   1
_entity_poly.type   'polypeptide(L)'
_entity_poly.pdbx_seq_one_letter_code
;MITMKDIIREGNPTLRAVAEEVPVPITEEDRQLGEDMLTFLKNSQDPVKAEELQLRGDVGLAAPQLDISKRIIAVHVPSN
DPENETPSLSTVMYNPKILSHSVQDVCLGEGEGCLSVDRDVPGYVVRHNKITVSYFDMAGEKHKVRLKNYEAIVVQHEID
HINGIMFYDHINKENPFALKEGVLVIEL
;
_entity_poly.pdbx_strand_id   A
#
# COMPACT_ATOMS: atom_id res chain seq x y z
N MET A 1 3.92 -20.04 0.89
CA MET A 1 2.93 -18.91 0.93
C MET A 1 3.37 -17.86 1.94
N ILE A 2 2.92 -16.62 1.74
CA ILE A 2 3.27 -15.53 2.63
C ILE A 2 2.50 -15.60 3.94
N THR A 3 3.22 -15.48 5.03
CA THR A 3 2.70 -15.55 6.39
C THR A 3 3.07 -14.24 7.10
N MET A 4 2.57 -14.05 8.31
CA MET A 4 2.95 -12.86 9.06
C MET A 4 4.45 -12.87 9.36
N LYS A 5 5.02 -14.06 9.48
CA LYS A 5 6.45 -14.18 9.75
C LYS A 5 7.31 -13.61 8.63
N ASP A 6 6.75 -13.56 7.42
CA ASP A 6 7.48 -13.03 6.27
C ASP A 6 7.43 -11.52 6.18
N ILE A 7 6.52 -10.92 6.95
CA ILE A 7 6.37 -9.47 6.93
C ILE A 7 7.30 -8.82 7.94
N ILE A 8 8.24 -8.02 7.47
CA ILE A 8 9.18 -7.37 8.37
C ILE A 8 8.49 -6.22 9.08
N ARG A 9 9.02 -5.84 10.23
CA ARG A 9 8.40 -4.80 11.04
C ARG A 9 9.25 -3.56 11.24
N GLU A 10 8.58 -2.50 11.67
CA GLU A 10 9.21 -1.22 11.93
C GLU A 10 10.50 -1.48 12.70
N GLY A 11 11.59 -0.90 12.21
CA GLY A 11 12.89 -1.10 12.83
C GLY A 11 13.82 -1.73 11.82
N ASN A 12 13.25 -2.49 10.89
CA ASN A 12 14.04 -3.14 9.85
C ASN A 12 14.33 -2.05 8.82
N PRO A 13 15.61 -1.74 8.60
CA PRO A 13 16.04 -0.72 7.63
C PRO A 13 15.49 -0.82 6.22
N THR A 14 15.12 -2.02 5.78
CA THR A 14 14.61 -2.18 4.42
C THR A 14 13.34 -1.37 4.21
N LEU A 15 12.57 -1.14 5.27
CA LEU A 15 11.34 -0.37 5.17
C LEU A 15 11.59 1.11 4.88
N ARG A 16 12.82 1.58 5.12
CA ARG A 16 13.15 2.98 4.87
C ARG A 16 14.02 3.21 3.65
N ALA A 17 14.33 2.13 2.92
CA ALA A 17 15.15 2.25 1.72
C ALA A 17 14.25 2.59 0.54
N VAL A 18 14.86 3.04 -0.56
CA VAL A 18 14.11 3.33 -1.77
C VAL A 18 14.23 2.07 -2.61
N ALA A 19 13.08 1.44 -2.88
CA ALA A 19 13.05 0.20 -3.65
C ALA A 19 13.54 0.36 -5.08
N GLU A 20 14.15 -0.70 -5.59
CA GLU A 20 14.71 -0.72 -6.92
C GLU A 20 13.63 -0.95 -8.01
N GLU A 21 13.83 -0.31 -9.15
CA GLU A 21 12.97 -0.48 -10.32
C GLU A 21 13.10 -1.94 -10.70
N VAL A 22 12.03 -2.55 -11.19
CA VAL A 22 12.13 -3.94 -11.60
C VAL A 22 12.21 -3.99 -13.13
N PRO A 23 12.84 -5.05 -13.67
CA PRO A 23 12.96 -5.18 -15.12
C PRO A 23 11.61 -5.32 -15.82
N VAL A 24 11.60 -4.88 -17.07
CA VAL A 24 10.45 -5.03 -17.96
C VAL A 24 11.17 -5.50 -19.22
N PRO A 25 10.76 -6.64 -19.79
CA PRO A 25 9.68 -7.54 -19.37
C PRO A 25 9.79 -8.03 -17.93
N ILE A 26 8.63 -8.25 -17.31
CA ILE A 26 8.58 -8.70 -15.93
C ILE A 26 9.19 -10.10 -15.80
N THR A 27 10.09 -10.28 -14.85
CA THR A 27 10.73 -11.58 -14.67
C THR A 27 9.70 -12.56 -14.12
N GLU A 28 9.93 -13.85 -14.33
CA GLU A 28 8.99 -14.85 -13.84
C GLU A 28 8.96 -14.85 -12.32
N GLU A 29 10.07 -14.48 -11.70
CA GLU A 29 10.11 -14.43 -10.25
C GLU A 29 9.27 -13.27 -9.73
N ASP A 30 9.43 -12.10 -10.35
CA ASP A 30 8.64 -10.93 -9.93
C ASP A 30 7.17 -11.19 -10.19
N ARG A 31 6.87 -11.96 -11.24
CA ARG A 31 5.48 -12.31 -11.53
C ARG A 31 4.95 -13.20 -10.41
N GLN A 32 5.76 -14.21 -10.03
CA GLN A 32 5.36 -15.13 -8.98
C GLN A 32 5.19 -14.40 -7.64
N LEU A 33 6.10 -13.48 -7.33
CA LEU A 33 5.99 -12.73 -6.08
C LEU A 33 4.69 -11.95 -6.05
N GLY A 34 4.36 -11.29 -7.16
CA GLY A 34 3.14 -10.52 -7.22
C GLY A 34 1.92 -11.40 -6.95
N GLU A 35 1.92 -12.58 -7.57
CA GLU A 35 0.82 -13.51 -7.40
C GLU A 35 0.68 -13.90 -5.94
N ASP A 36 1.80 -14.19 -5.29
CA ASP A 36 1.78 -14.58 -3.89
C ASP A 36 1.33 -13.43 -2.99
N MET A 37 1.66 -12.21 -3.38
CA MET A 37 1.28 -11.04 -2.60
C MET A 37 -0.23 -10.83 -2.66
N LEU A 38 -0.79 -10.99 -3.85
CA LEU A 38 -2.23 -10.81 -4.01
C LEU A 38 -2.95 -11.94 -3.27
N THR A 39 -2.40 -13.15 -3.35
CA THR A 39 -3.00 -14.28 -2.65
C THR A 39 -3.03 -13.99 -1.15
N PHE A 40 -1.96 -13.39 -0.65
CA PHE A 40 -1.88 -13.06 0.76
C PHE A 40 -3.01 -12.09 1.14
N LEU A 41 -3.20 -11.05 0.33
CA LEU A 41 -4.25 -10.08 0.63
C LEU A 41 -5.62 -10.74 0.63
N LYS A 42 -5.88 -11.60 -0.34
CA LYS A 42 -7.17 -12.27 -0.41
C LYS A 42 -7.35 -13.18 0.80
N ASN A 43 -6.31 -13.92 1.17
CA ASN A 43 -6.40 -14.79 2.33
C ASN A 43 -6.66 -13.98 3.60
N SER A 44 -6.01 -12.82 3.71
CA SER A 44 -6.17 -11.98 4.91
C SER A 44 -7.57 -11.42 5.06
N GLN A 45 -8.32 -11.33 3.95
CA GLN A 45 -9.68 -10.79 3.98
C GLN A 45 -10.75 -11.86 4.05
N ASP A 46 -10.37 -13.12 3.88
CA ASP A 46 -11.34 -14.24 3.98
C ASP A 46 -11.40 -14.59 5.47
N PRO A 47 -12.55 -14.41 6.07
CA PRO A 47 -12.73 -14.67 7.50
C PRO A 47 -12.20 -16.02 7.99
N VAL A 48 -12.41 -17.07 7.19
CA VAL A 48 -11.95 -18.39 7.57
C VAL A 48 -10.43 -18.53 7.42
N LYS A 49 -9.92 -18.17 6.25
CA LYS A 49 -8.48 -18.28 6.01
C LYS A 49 -7.68 -17.38 6.94
N ALA A 50 -8.21 -16.20 7.22
CA ALA A 50 -7.51 -15.27 8.11
C ALA A 50 -7.35 -15.88 9.49
N GLU A 51 -8.36 -16.62 9.94
CA GLU A 51 -8.29 -17.26 11.25
C GLU A 51 -7.35 -18.46 11.19
N GLU A 52 -7.48 -19.27 10.14
CA GLU A 52 -6.61 -20.43 9.98
C GLU A 52 -5.14 -20.04 10.02
N LEU A 53 -4.79 -19.04 9.23
CA LEU A 53 -3.41 -18.58 9.12
C LEU A 53 -3.00 -17.50 10.09
N GLN A 54 -3.95 -17.04 10.91
CA GLN A 54 -3.68 -16.00 11.88
C GLN A 54 -3.12 -14.74 11.20
N LEU A 55 -3.90 -14.21 10.26
CA LEU A 55 -3.49 -13.04 9.51
C LEU A 55 -4.33 -11.81 9.87
N ARG A 56 -3.70 -10.64 9.82
CA ARG A 56 -4.38 -9.39 10.07
C ARG A 56 -4.98 -8.99 8.71
N GLY A 57 -6.22 -8.49 8.72
CA GLY A 57 -6.84 -8.08 7.47
C GLY A 57 -5.98 -7.03 6.80
N ASP A 58 -5.81 -7.12 5.49
CA ASP A 58 -4.95 -6.17 4.79
C ASP A 58 -5.44 -5.93 3.35
N VAL A 59 -5.42 -4.67 2.92
CA VAL A 59 -5.85 -4.31 1.57
C VAL A 59 -4.71 -3.92 0.63
N GLY A 60 -3.51 -3.81 1.18
CA GLY A 60 -2.36 -3.47 0.34
C GLY A 60 -1.07 -4.03 0.90
N LEU A 61 -0.12 -4.33 0.02
CA LEU A 61 1.16 -4.87 0.45
C LEU A 61 2.23 -4.45 -0.56
N ALA A 62 3.41 -4.10 -0.06
CA ALA A 62 4.52 -3.70 -0.94
C ALA A 62 5.68 -4.66 -0.73
N ALA A 63 6.40 -4.96 -1.79
CA ALA A 63 7.53 -5.89 -1.71
C ALA A 63 8.51 -5.61 -0.57
N PRO A 64 8.82 -4.33 -0.29
CA PRO A 64 9.75 -4.03 0.80
C PRO A 64 9.30 -4.64 2.13
N GLN A 65 7.99 -4.80 2.30
CA GLN A 65 7.46 -5.37 3.53
C GLN A 65 7.81 -6.84 3.69
N LEU A 66 8.32 -7.45 2.61
CA LEU A 66 8.73 -8.85 2.62
C LEU A 66 10.25 -8.93 2.55
N ASP A 67 10.89 -7.80 2.78
CA ASP A 67 12.35 -7.65 2.73
C ASP A 67 12.88 -7.84 1.32
N ILE A 68 12.09 -7.43 0.35
CA ILE A 68 12.45 -7.50 -1.06
C ILE A 68 12.34 -6.05 -1.54
N SER A 69 13.48 -5.39 -1.68
CA SER A 69 13.53 -3.99 -2.06
C SER A 69 13.28 -3.73 -3.53
N LYS A 70 12.05 -3.97 -3.95
CA LYS A 70 11.65 -3.80 -5.34
C LYS A 70 10.34 -3.02 -5.45
N ARG A 71 10.19 -2.31 -6.56
CA ARG A 71 9.01 -1.49 -6.78
C ARG A 71 7.83 -2.33 -7.29
N ILE A 72 7.28 -3.11 -6.37
CA ILE A 72 6.15 -4.00 -6.65
C ILE A 72 5.13 -3.84 -5.52
N ILE A 73 3.88 -3.55 -5.89
CA ILE A 73 2.84 -3.42 -4.89
C ILE A 73 1.61 -4.19 -5.31
N ALA A 74 0.85 -4.65 -4.33
CA ALA A 74 -0.37 -5.40 -4.59
C ALA A 74 -1.48 -4.73 -3.79
N VAL A 75 -2.66 -4.62 -4.40
CA VAL A 75 -3.80 -4.03 -3.73
C VAL A 75 -5.04 -4.87 -3.97
N HIS A 76 -5.89 -4.96 -2.96
CA HIS A 76 -7.14 -5.71 -3.02
C HIS A 76 -8.09 -4.91 -2.15
N VAL A 77 -8.74 -3.94 -2.77
CA VAL A 77 -9.64 -3.03 -2.07
C VAL A 77 -11.11 -3.42 -2.21
N PRO A 78 -11.78 -3.74 -1.09
CA PRO A 78 -13.19 -4.12 -1.09
C PRO A 78 -14.11 -2.93 -1.34
N SER A 88 -13.24 -3.62 -5.52
CA SER A 88 -13.31 -2.53 -6.49
C SER A 88 -12.01 -2.40 -7.27
N LEU A 89 -10.92 -2.86 -6.66
CA LEU A 89 -9.60 -2.80 -7.28
C LEU A 89 -8.78 -3.96 -6.74
N SER A 90 -8.30 -4.82 -7.65
CA SER A 90 -7.51 -5.98 -7.25
C SER A 90 -6.45 -6.26 -8.31
N THR A 91 -5.22 -5.88 -8.03
CA THR A 91 -4.16 -6.10 -9.00
C THR A 91 -2.77 -5.89 -8.41
N VAL A 92 -1.77 -6.23 -9.21
CA VAL A 92 -0.38 -6.06 -8.83
C VAL A 92 0.20 -5.03 -9.77
N MET A 93 0.87 -4.03 -9.21
CA MET A 93 1.46 -2.97 -10.02
C MET A 93 2.98 -3.01 -9.95
N TYR A 94 3.60 -3.05 -11.12
CA TYR A 94 5.06 -3.07 -11.21
C TYR A 94 5.52 -1.69 -11.66
N ASN A 95 6.51 -1.16 -10.96
CA ASN A 95 7.04 0.17 -11.24
C ASN A 95 5.94 1.23 -11.32
N PRO A 96 5.05 1.26 -10.31
CA PRO A 96 3.97 2.25 -10.34
C PRO A 96 4.51 3.65 -10.09
N LYS A 97 3.90 4.64 -10.74
CA LYS A 97 4.22 6.06 -10.61
C LYS A 97 2.99 6.92 -10.63
N ILE A 98 3.00 7.91 -9.74
CA ILE A 98 1.89 8.86 -9.74
C ILE A 98 2.24 9.96 -10.73
N LEU A 99 1.45 10.07 -11.80
CA LEU A 99 1.68 11.06 -12.83
C LEU A 99 1.10 12.42 -12.49
N SER A 100 0.00 12.43 -11.76
CA SER A 100 -0.64 13.66 -11.36
C SER A 100 -1.57 13.39 -10.18
N HIS A 101 -1.95 14.45 -9.48
CA HIS A 101 -2.84 14.31 -8.33
C HIS A 101 -3.70 15.55 -8.17
N SER A 102 -4.76 15.40 -7.39
CA SER A 102 -5.69 16.49 -7.14
C SER A 102 -5.16 17.43 -6.07
N VAL A 103 -5.61 18.68 -6.15
CA VAL A 103 -5.38 19.64 -5.11
C VAL A 103 -6.07 19.14 -3.81
N GLN A 104 -7.28 18.71 -3.98
CA GLN A 104 -8.15 18.24 -2.91
C GLN A 104 -7.51 17.04 -2.22
N ASP A 105 -7.46 17.10 -0.89
CA ASP A 105 -6.89 16.00 -0.10
C ASP A 105 -7.97 15.23 0.63
N VAL A 106 -7.58 14.12 1.24
CA VAL A 106 -8.51 13.26 1.95
C VAL A 106 -7.75 12.45 3.00
N CYS A 107 -8.49 11.90 3.97
CA CYS A 107 -7.88 11.08 5.01
C CYS A 107 -8.92 10.11 5.53
N LEU A 108 -8.47 8.95 6.00
CA LEU A 108 -9.38 7.97 6.57
C LEU A 108 -9.72 8.43 7.98
N GLY A 109 -11.01 8.46 8.30
CA GLY A 109 -11.44 8.89 9.61
C GLY A 109 -10.88 8.07 10.76
N GLU A 110 -10.68 6.78 10.53
CA GLU A 110 -10.17 5.88 11.55
C GLU A 110 -8.65 5.85 11.59
N GLY A 111 -8.02 6.69 10.77
CA GLY A 111 -6.57 6.72 10.73
C GLY A 111 -6.10 5.56 9.85
N GLU A 112 -4.81 5.23 9.92
CA GLU A 112 -4.29 4.13 9.12
C GLU A 112 -3.52 3.13 9.96
N GLY A 113 -3.38 1.94 9.46
CA GLY A 113 -2.53 0.94 10.08
C GLY A 113 -1.68 0.27 9.00
N CYS A 114 -0.95 -0.73 9.40
CA CYS A 114 0.01 -1.36 8.52
C CYS A 114 0.52 -2.63 9.16
N LEU A 115 0.65 -3.68 8.37
CA LEU A 115 1.05 -5.00 8.95
C LEU A 115 2.50 -5.00 9.42
N SER A 116 3.23 -3.98 9.01
CA SER A 116 4.63 -3.87 9.43
C SER A 116 4.75 -3.02 10.69
N VAL A 117 3.62 -2.53 11.19
CA VAL A 117 3.60 -1.69 12.39
C VAL A 117 2.79 -2.36 13.49
N ASP A 118 3.48 -2.75 14.55
CA ASP A 118 2.85 -3.44 15.68
C ASP A 118 2.56 -2.52 16.87
N ARG A 119 2.16 -1.31 16.59
CA ARG A 119 1.66 -0.35 17.60
C ARG A 119 0.59 0.49 16.92
N ASP A 120 -0.29 1.07 17.72
CA ASP A 120 -1.41 1.88 17.30
C ASP A 120 -0.77 3.27 17.22
N VAL A 121 -0.84 3.93 16.07
CA VAL A 121 -0.42 5.33 15.98
C VAL A 121 -1.62 6.17 15.52
N PRO A 122 -2.29 6.78 16.48
CA PRO A 122 -3.46 7.60 16.20
C PRO A 122 -3.14 8.86 15.41
N GLY A 123 -4.12 9.35 14.65
CA GLY A 123 -3.91 10.56 13.87
C GLY A 123 -4.29 10.43 12.41
N TYR A 124 -4.55 11.57 11.79
CA TYR A 124 -4.94 11.60 10.40
C TYR A 124 -3.73 11.58 9.46
N VAL A 125 -3.87 10.80 8.39
CA VAL A 125 -2.83 10.69 7.38
C VAL A 125 -3.48 11.32 6.14
N VAL A 126 -3.10 12.55 5.86
CA VAL A 126 -3.67 13.28 4.74
C VAL A 126 -2.98 12.96 3.42
N ARG A 127 -3.77 12.55 2.44
CA ARG A 127 -3.25 12.19 1.13
C ARG A 127 -4.10 12.87 0.05
N HIS A 128 -3.71 12.71 -1.21
CA HIS A 128 -4.48 13.30 -2.29
C HIS A 128 -5.71 12.46 -2.58
N ASN A 129 -6.85 13.12 -2.79
CA ASN A 129 -8.09 12.40 -3.04
C ASN A 129 -8.12 11.73 -4.41
N LYS A 130 -7.45 12.32 -5.39
CA LYS A 130 -7.43 11.76 -6.73
C LYS A 130 -6.01 11.69 -7.28
N ILE A 131 -5.69 10.58 -7.93
CA ILE A 131 -4.38 10.38 -8.51
C ILE A 131 -4.49 9.62 -9.82
N THR A 132 -3.55 9.89 -10.72
CA THR A 132 -3.48 9.19 -11.99
C THR A 132 -2.19 8.41 -11.84
N VAL A 133 -2.28 7.09 -11.98
CA VAL A 133 -1.12 6.22 -11.82
C VAL A 133 -0.84 5.38 -13.04
N SER A 134 0.44 5.28 -13.39
CA SER A 134 0.84 4.45 -14.51
C SER A 134 1.62 3.29 -13.89
N TYR A 135 1.48 2.11 -14.48
CA TYR A 135 2.18 0.95 -13.97
C TYR A 135 2.20 -0.12 -15.03
N PHE A 136 3.01 -1.15 -14.81
CA PHE A 136 3.08 -2.28 -15.71
C PHE A 136 2.40 -3.43 -14.99
N ASP A 137 1.57 -4.19 -15.71
CA ASP A 137 0.91 -5.33 -15.09
C ASP A 137 1.85 -6.53 -15.12
N MET A 138 1.34 -7.68 -14.68
CA MET A 138 2.12 -8.91 -14.62
C MET A 138 2.69 -9.36 -15.96
N ALA A 139 2.09 -8.91 -17.05
CA ALA A 139 2.55 -9.28 -18.37
C ALA A 139 3.49 -8.24 -18.95
N GLY A 140 3.72 -7.15 -18.20
CA GLY A 140 4.61 -6.11 -18.69
C GLY A 140 3.87 -5.10 -19.56
N GLU A 141 2.54 -5.15 -19.56
CA GLU A 141 1.75 -4.23 -20.36
C GLU A 141 1.46 -2.99 -19.51
N LYS A 142 1.55 -1.81 -20.11
CA LYS A 142 1.34 -0.58 -19.37
C LYS A 142 -0.13 -0.22 -19.20
N HIS A 143 -0.43 0.37 -18.04
CA HIS A 143 -1.79 0.81 -17.72
C HIS A 143 -1.68 2.21 -17.14
N LYS A 144 -2.71 3.01 -17.36
CA LYS A 144 -2.78 4.36 -16.83
C LYS A 144 -4.17 4.43 -16.24
N VAL A 145 -4.25 4.52 -14.91
CA VAL A 145 -5.54 4.55 -14.24
C VAL A 145 -5.77 5.77 -13.35
N ARG A 146 -7.03 6.16 -13.27
CA ARG A 146 -7.46 7.28 -12.41
C ARG A 146 -8.13 6.71 -11.22
N LEU A 147 -7.53 6.94 -10.05
CA LEU A 147 -8.08 6.43 -8.80
C LEU A 147 -8.49 7.57 -7.89
N LYS A 148 -9.42 7.28 -6.98
CA LYS A 148 -9.89 8.30 -6.05
C LYS A 148 -10.36 7.65 -4.76
N ASN A 149 -10.61 8.48 -3.75
CA ASN A 149 -11.12 8.02 -2.48
C ASN A 149 -10.25 6.94 -1.84
N TYR A 150 -10.87 5.91 -1.29
CA TYR A 150 -10.16 4.83 -0.61
C TYR A 150 -9.11 4.15 -1.50
N GLU A 151 -9.45 3.86 -2.76
CA GLU A 151 -8.48 3.22 -3.64
C GLU A 151 -7.23 4.08 -3.80
N ALA A 152 -7.43 5.40 -3.89
CA ALA A 152 -6.30 6.32 -4.03
C ALA A 152 -5.45 6.30 -2.76
N ILE A 153 -6.11 6.24 -1.61
CA ILE A 153 -5.41 6.21 -0.33
C ILE A 153 -4.54 4.97 -0.23
N VAL A 154 -5.13 3.80 -0.54
CA VAL A 154 -4.39 2.56 -0.47
C VAL A 154 -3.16 2.55 -1.38
N VAL A 155 -3.35 2.98 -2.62
CA VAL A 155 -2.23 3.01 -3.56
C VAL A 155 -1.14 3.98 -3.12
N GLN A 156 -1.51 5.13 -2.55
CA GLN A 156 -0.50 6.08 -2.07
C GLN A 156 0.25 5.49 -0.88
N HIS A 157 -0.45 4.74 -0.04
CA HIS A 157 0.16 4.10 1.13
C HIS A 157 1.22 3.10 0.63
N GLU A 158 0.86 2.30 -0.37
CA GLU A 158 1.80 1.31 -0.89
C GLU A 158 2.95 1.94 -1.67
N ILE A 159 2.68 2.98 -2.44
CA ILE A 159 3.76 3.63 -3.17
C ILE A 159 4.73 4.25 -2.15
N ASP A 160 4.19 4.77 -1.05
CA ASP A 160 5.06 5.34 -0.03
C ASP A 160 6.05 4.25 0.42
N HIS A 161 5.58 3.02 0.57
CA HIS A 161 6.47 1.93 0.99
C HIS A 161 7.67 1.76 0.08
N ILE A 162 7.47 1.88 -1.23
CA ILE A 162 8.59 1.69 -2.14
C ILE A 162 9.52 2.89 -2.20
N ASN A 163 9.15 3.95 -1.48
CA ASN A 163 9.98 5.15 -1.39
C ASN A 163 10.51 5.28 0.05
N GLY A 164 10.31 4.23 0.85
CA GLY A 164 10.79 4.21 2.22
C GLY A 164 9.99 5.02 3.22
N ILE A 165 8.73 5.30 2.89
CA ILE A 165 7.87 6.10 3.76
C ILE A 165 6.79 5.26 4.44
N MET A 166 6.59 5.52 5.74
CA MET A 166 5.59 4.81 6.54
C MET A 166 4.44 5.78 6.83
N PHE A 167 3.24 5.24 7.03
CA PHE A 167 2.08 6.11 7.24
C PHE A 167 2.22 7.11 8.37
N TYR A 168 2.82 6.70 9.48
CA TYR A 168 2.96 7.62 10.62
C TYR A 168 3.91 8.79 10.36
N ASP A 169 4.68 8.72 9.28
CA ASP A 169 5.58 9.82 8.95
C ASP A 169 4.75 11.05 8.61
N HIS A 170 3.51 10.83 8.19
CA HIS A 170 2.61 11.91 7.80
C HIS A 170 1.78 12.52 8.92
N ILE A 171 1.75 11.87 10.07
CA ILE A 171 0.94 12.36 11.18
C ILE A 171 1.53 13.58 11.89
N ASN A 172 0.68 14.58 12.12
CA ASN A 172 1.11 15.78 12.82
C ASN A 172 1.11 15.43 14.30
N LYS A 173 2.29 15.14 14.84
CA LYS A 173 2.41 14.76 16.24
C LYS A 173 1.84 15.79 17.20
N GLU A 174 2.01 17.07 16.89
CA GLU A 174 1.51 18.14 17.75
C GLU A 174 -0.02 18.15 17.82
N ASN A 175 -0.66 18.00 16.67
CA ASN A 175 -2.12 17.99 16.58
C ASN A 175 -2.53 16.87 15.63
N PRO A 176 -2.46 15.61 16.10
CA PRO A 176 -2.81 14.42 15.32
C PRO A 176 -4.16 14.44 14.58
N PHE A 177 -5.16 15.11 15.14
CA PHE A 177 -6.46 15.14 14.48
C PHE A 177 -6.85 16.48 13.87
N ALA A 178 -5.88 17.31 13.57
CA ALA A 178 -6.17 18.60 12.95
C ALA A 178 -6.64 18.33 11.53
N LEU A 179 -7.68 19.02 11.09
CA LEU A 179 -8.21 18.89 9.76
C LEU A 179 -8.25 20.20 8.99
N LYS A 180 -7.38 20.37 8.03
CA LYS A 180 -7.45 21.54 7.23
C LYS A 180 -8.71 21.63 6.39
N GLU A 181 -9.09 22.87 6.20
CA GLU A 181 -9.71 23.34 4.99
C GLU A 181 -9.60 22.55 3.83
N GLY A 182 -10.75 22.03 3.54
CA GLY A 182 -10.92 21.48 2.28
C GLY A 182 -10.63 20.02 2.25
N VAL A 183 -10.13 19.43 3.34
CA VAL A 183 -9.77 18.00 3.35
C VAL A 183 -11.02 17.15 3.51
N LEU A 184 -11.16 16.13 2.71
CA LEU A 184 -12.23 15.14 2.82
C LEU A 184 -11.93 14.06 3.84
N VAL A 185 -12.98 13.43 4.28
CA VAL A 185 -12.86 12.34 5.22
C VAL A 185 -13.61 11.12 4.70
N ILE A 186 -12.97 9.99 4.73
CA ILE A 186 -13.59 8.73 4.39
C ILE A 186 -13.82 7.92 5.64
N GLU A 187 -15.02 7.42 5.77
CA GLU A 187 -15.38 6.63 6.92
C GLU A 187 -15.76 5.26 6.45
N LEU A 188 -14.92 4.32 6.78
CA LEU A 188 -15.16 2.96 6.33
C LEU A 188 -16.21 2.36 7.27
#